data_6I5E
#
_entry.id   6I5E
#
_cell.length_a   88.224
_cell.length_b   80.139
_cell.length_c   104.696
_cell.angle_alpha   90.00
_cell.angle_beta   95.39
_cell.angle_gamma   90.00
#
_symmetry.space_group_name_H-M   'I 1 2 1'
#
loop_
_entity.id
_entity.type
_entity.pdbx_description
1 polymer 'Bifunctional epoxide hydrolase 2'
2 water water
#
_entity_poly.entity_id   1
_entity_poly.type   'polypeptide(L)'
_entity_poly.pdbx_seq_one_letter_code
;MHHHHHHSTENLYFQGSSTSCNPSDMSHGYVTVKPRVRLHFVELGSGPAVCLCHGFPESWYSWRYQIPALAQAGYRVLAM
DMKGYGESSAPPEIEEYCMEVLCKEMVTFLDKLGLSQAVFIGHDWGGMLVWYMALFYPERVRAVASLNTPFIPANPNMSP
LESIKANPVFDYQLYFQEPGVAEAELEQNLSRTFKSLFRASDESVLSMHKVCEAGGLFVNSPEEPSLSRMVTEEEIQFYV
QQFKKSGFRGPLNWYRNMERNWKWACKSLGRKILIPALMVTAEKDFVLVPQMSQHMEDWIPHLKRGHIEDCGHWTQMDKP
TEVNQILIKWLDSDARNPPVVSKM
;
_entity_poly.pdbx_strand_id   A,B
#
# COMPACT_ATOMS: atom_id res chain seq x y z
N THR A 19 5.16 2.38 -22.10
CA THR A 19 4.47 1.80 -20.90
C THR A 19 4.85 2.58 -19.61
N SER A 20 3.91 3.41 -19.17
CA SER A 20 4.07 4.27 -17.99
C SER A 20 2.94 4.00 -17.00
N CYS A 21 2.56 5.02 -16.25
CA CYS A 21 1.60 4.86 -15.18
C CYS A 21 0.50 5.88 -15.25
N ASN A 22 -0.70 5.52 -14.82
CA ASN A 22 -1.74 6.50 -14.70
C ASN A 22 -1.96 6.60 -13.24
N PRO A 23 -1.87 7.82 -12.66
CA PRO A 23 -2.00 7.85 -11.21
C PRO A 23 -3.20 7.20 -10.56
N SER A 24 -4.39 7.38 -11.12
CA SER A 24 -5.60 6.86 -10.48
C SER A 24 -5.73 5.33 -10.65
N ASP A 25 -4.88 4.74 -11.49
CA ASP A 25 -4.82 3.30 -11.73
C ASP A 25 -3.70 2.65 -10.92
N MET A 26 -3.15 3.36 -9.93
CA MET A 26 -2.13 2.78 -9.05
C MET A 26 -2.68 2.48 -7.64
N SER A 27 -1.98 1.64 -6.90
CA SER A 27 -2.21 1.52 -5.45
C SER A 27 -1.46 2.63 -4.72
N HIS A 28 -2.15 3.39 -3.89
CA HIS A 28 -1.54 4.48 -3.15
C HIS A 28 -1.46 4.08 -1.67
N GLY A 29 -0.25 4.13 -1.13
CA GLY A 29 0.01 3.83 0.27
C GLY A 29 0.37 5.07 1.08
N TYR A 30 0.06 5.04 2.37
CA TYR A 30 0.37 6.12 3.30
C TYR A 30 0.87 5.53 4.59
N VAL A 31 2.03 5.96 5.05
CA VAL A 31 2.62 5.49 6.31
C VAL A 31 3.00 6.69 7.16
N THR A 32 2.49 6.72 8.39
CA THR A 32 2.90 7.73 9.36
C THR A 32 4.17 7.28 10.04
N VAL A 33 5.28 7.94 9.68
CA VAL A 33 6.57 7.63 10.30
C VAL A 33 6.84 8.39 11.59
N LYS A 34 6.06 9.44 11.82
CA LYS A 34 6.09 10.19 13.08
C LYS A 34 4.94 11.22 13.09
N PRO A 35 4.55 11.71 14.29
CA PRO A 35 3.32 12.49 14.46
C PRO A 35 2.96 13.45 13.34
N ARG A 36 3.90 14.31 12.95
CA ARG A 36 3.62 15.33 11.93
C ARG A 36 3.90 14.82 10.49
N VAL A 37 4.42 13.59 10.34
CA VAL A 37 4.97 13.17 9.05
C VAL A 37 4.43 11.84 8.53
N ARG A 38 3.66 11.92 7.45
CA ARG A 38 3.28 10.74 6.65
C ARG A 38 3.99 10.70 5.30
N LEU A 39 4.40 9.50 4.90
CA LEU A 39 4.98 9.34 3.59
C LEU A 39 4.05 8.56 2.68
N HIS A 40 3.85 9.11 1.48
CA HIS A 40 2.98 8.53 0.47
C HIS A 40 3.84 7.83 -0.57
N PHE A 41 3.35 6.71 -1.08
CA PHE A 41 4.05 5.97 -2.12
C PHE A 41 3.05 5.25 -2.99
N VAL A 42 3.51 4.80 -4.14
CA VAL A 42 2.75 3.96 -5.02
C VAL A 42 3.39 2.57 -5.05
N GLU A 43 2.56 1.56 -5.21
CA GLU A 43 3.00 0.18 -5.09
C GLU A 43 2.48 -0.69 -6.23
N LEU A 44 3.39 -1.45 -6.86
CA LEU A 44 3.02 -2.36 -7.92
C LEU A 44 3.95 -3.57 -7.96
N GLY A 45 3.35 -4.75 -8.09
CA GLY A 45 4.08 -5.97 -8.32
C GLY A 45 4.24 -6.81 -7.09
N SER A 46 4.82 -8.00 -7.30
CA SER A 46 5.18 -8.93 -6.24
C SER A 46 6.61 -9.39 -6.42
N GLY A 47 7.19 -9.93 -5.36
CA GLY A 47 8.60 -10.33 -5.34
C GLY A 47 9.36 -9.47 -4.36
N PRO A 48 10.72 -9.47 -4.41
CA PRO A 48 11.55 -8.67 -3.50
C PRO A 48 11.22 -7.18 -3.62
N ALA A 49 11.26 -6.47 -2.49
CA ALA A 49 10.77 -5.10 -2.43
C ALA A 49 11.84 -4.14 -2.96
N VAL A 50 11.48 -3.31 -3.93
CA VAL A 50 12.39 -2.33 -4.48
C VAL A 50 11.79 -0.95 -4.22
N CYS A 51 12.55 -0.15 -3.50
CA CYS A 51 12.14 1.18 -3.10
C CYS A 51 12.80 2.21 -4.01
N LEU A 52 12.00 3.05 -4.66
CA LEU A 52 12.51 3.99 -5.64
C LEU A 52 12.42 5.41 -5.09
N CYS A 53 13.53 6.13 -5.13
CA CYS A 53 13.63 7.42 -4.48
C CYS A 53 14.07 8.51 -5.47
N HIS A 54 13.12 9.38 -5.81
CA HIS A 54 13.35 10.44 -6.77
C HIS A 54 14.19 11.58 -6.24
N GLY A 55 14.58 12.44 -7.14
CA GLY A 55 15.39 13.61 -6.84
C GLY A 55 14.62 14.91 -6.78
N PHE A 56 15.37 16.01 -6.99
CA PHE A 56 14.83 17.35 -6.92
C PHE A 56 14.69 17.89 -8.33
N PRO A 57 13.56 18.54 -8.68
CA PRO A 57 12.30 18.61 -7.93
C PRO A 57 11.28 17.71 -8.58
N GLU A 58 11.26 16.45 -8.21
CA GLU A 58 10.48 15.46 -8.95
C GLU A 58 9.34 14.92 -8.10
N SER A 59 9.09 13.61 -8.19
CA SER A 59 7.83 12.98 -7.74
C SER A 59 7.99 11.49 -7.95
N TRP A 60 7.12 10.69 -7.31
CA TRP A 60 7.11 9.25 -7.57
C TRP A 60 6.94 9.05 -9.06
N TYR A 61 6.20 9.99 -9.67
CA TYR A 61 5.82 9.94 -11.08
C TYR A 61 7.01 9.92 -12.03
N SER A 62 8.15 10.46 -11.59
CA SER A 62 9.37 10.41 -12.36
C SER A 62 9.86 8.99 -12.62
N TRP A 63 9.32 8.03 -11.86
CA TRP A 63 9.61 6.61 -12.09
C TRP A 63 8.58 5.90 -12.96
N ARG A 64 7.70 6.65 -13.62
CA ARG A 64 6.63 6.05 -14.44
C ARG A 64 7.02 4.98 -15.46
N TYR A 65 8.22 5.05 -16.00
CA TYR A 65 8.68 4.03 -16.95
C TYR A 65 9.30 2.81 -16.26
N GLN A 66 9.81 2.98 -15.04
CA GLN A 66 10.45 1.89 -14.32
C GLN A 66 9.46 1.08 -13.49
N ILE A 67 8.41 1.74 -12.98
CA ILE A 67 7.46 1.05 -12.11
C ILE A 67 6.86 -0.18 -12.81
N PRO A 68 6.21 0.00 -13.99
CA PRO A 68 5.63 -1.17 -14.61
C PRO A 68 6.66 -2.18 -15.11
N ALA A 69 7.81 -1.71 -15.56
CA ALA A 69 8.85 -2.61 -16.07
C ALA A 69 9.48 -3.50 -15.01
N LEU A 70 9.77 -2.93 -13.85
CA LEU A 70 10.36 -3.70 -12.77
C LEU A 70 9.34 -4.67 -12.18
N ALA A 71 8.08 -4.24 -12.06
CA ALA A 71 6.99 -5.11 -11.59
C ALA A 71 6.86 -6.33 -12.47
N GLN A 72 6.83 -6.11 -13.77
CA GLN A 72 6.72 -7.17 -14.78
C GLN A 72 7.94 -8.10 -14.72
N ALA A 73 9.12 -7.59 -14.34
CA ALA A 73 10.34 -8.39 -14.14
C ALA A 73 10.31 -9.16 -12.85
N GLY A 74 9.20 -9.13 -12.12
CA GLY A 74 9.07 -9.91 -10.90
C GLY A 74 9.56 -9.22 -9.62
N TYR A 75 9.34 -7.90 -9.50
CA TYR A 75 9.70 -7.13 -8.31
C TYR A 75 8.53 -6.39 -7.72
N ARG A 76 8.60 -6.12 -6.42
CA ARG A 76 7.57 -5.39 -5.71
C ARG A 76 8.05 -3.96 -5.54
N VAL A 77 7.48 -3.07 -6.35
CA VAL A 77 8.01 -1.73 -6.47
C VAL A 77 7.23 -0.78 -5.54
N LEU A 78 7.98 -0.07 -4.70
CA LEU A 78 7.50 1.02 -3.89
C LEU A 78 8.11 2.31 -4.42
N ALA A 79 7.31 3.14 -5.06
CA ALA A 79 7.81 4.41 -5.56
C ALA A 79 7.38 5.55 -4.64
N MET A 80 8.34 6.19 -4.00
CA MET A 80 8.06 7.14 -2.93
C MET A 80 7.75 8.53 -3.48
N ASP A 81 6.89 9.25 -2.78
CA ASP A 81 7.04 10.70 -2.71
C ASP A 81 7.94 10.95 -1.52
N MET A 82 9.11 11.50 -1.76
CA MET A 82 10.04 11.83 -0.72
C MET A 82 9.45 12.93 0.16
N LYS A 83 10.02 13.09 1.35
CA LYS A 83 9.53 14.07 2.29
C LYS A 83 9.57 15.46 1.66
N GLY A 84 8.46 16.19 1.74
CA GLY A 84 8.37 17.53 1.18
C GLY A 84 7.71 17.58 -0.19
N TYR A 85 7.38 16.41 -0.76
CA TYR A 85 6.90 16.29 -2.13
C TYR A 85 5.53 15.64 -2.25
N GLY A 86 4.72 16.14 -3.17
CA GLY A 86 3.44 15.54 -3.50
C GLY A 86 2.56 15.34 -2.30
N GLU A 87 2.07 14.12 -2.12
CA GLU A 87 1.14 13.83 -1.03
C GLU A 87 1.81 13.50 0.29
N SER A 88 3.15 13.46 0.31
CA SER A 88 3.88 13.29 1.56
C SER A 88 3.87 14.59 2.34
N SER A 89 4.14 14.50 3.64
CA SER A 89 4.17 15.66 4.52
C SER A 89 5.29 16.57 4.08
N ALA A 90 5.10 17.87 4.27
CA ALA A 90 6.10 18.85 3.91
C ALA A 90 6.23 19.89 5.02
N PRO A 91 6.78 19.49 6.19
CA PRO A 91 6.98 20.43 7.27
C PRO A 91 7.90 21.58 6.86
N PRO A 92 7.70 22.79 7.40
CA PRO A 92 8.53 23.93 6.92
C PRO A 92 9.97 23.95 7.49
N GLU A 93 10.21 23.24 8.60
CA GLU A 93 11.50 23.31 9.29
C GLU A 93 12.59 22.73 8.41
N ILE A 94 13.68 23.47 8.24
CA ILE A 94 14.85 23.08 7.43
C ILE A 94 15.49 21.80 7.95
N GLU A 95 15.56 21.63 9.25
CA GLU A 95 16.28 20.47 9.74
C GLU A 95 15.52 19.17 9.54
N GLU A 96 14.23 19.25 9.23
CA GLU A 96 13.45 18.06 8.94
C GLU A 96 13.92 17.36 7.66
N TYR A 97 14.84 17.97 6.92
CA TYR A 97 15.29 17.42 5.64
C TYR A 97 16.79 17.12 5.56
N CYS A 98 17.43 16.90 6.71
CA CYS A 98 18.80 16.48 6.71
C CYS A 98 18.85 14.99 6.54
N MET A 99 19.93 14.50 5.97
CA MET A 99 20.04 13.07 5.66
C MET A 99 19.81 12.12 6.82
N GLU A 100 20.31 12.50 8.01
CA GLU A 100 20.11 11.71 9.23
C GLU A 100 18.63 11.49 9.50
N VAL A 101 17.86 12.56 9.48
CA VAL A 101 16.43 12.49 9.80
C VAL A 101 15.65 11.82 8.69
N LEU A 102 16.07 12.00 7.45
CA LEU A 102 15.36 11.39 6.33
C LEU A 102 15.59 9.90 6.32
N CYS A 103 16.83 9.47 6.57
CA CYS A 103 17.15 8.05 6.58
C CYS A 103 16.42 7.29 7.69
N LYS A 104 16.35 7.86 8.89
CA LYS A 104 15.65 7.23 10.02
C LYS A 104 14.19 7.04 9.68
N GLU A 105 13.61 7.98 8.94
CA GLU A 105 12.21 7.87 8.59
C GLU A 105 12.00 6.81 7.54
N MET A 106 12.95 6.61 6.68
CA MET A 106 12.89 5.55 5.71
C MET A 106 13.00 4.19 6.38
N VAL A 107 13.68 4.12 7.50
CA VAL A 107 13.78 2.89 8.23
C VAL A 107 12.48 2.65 8.99
N THR A 108 11.94 3.69 9.62
CA THR A 108 10.62 3.58 10.25
C THR A 108 9.56 3.09 9.22
N PHE A 109 9.65 3.66 8.02
CA PHE A 109 8.80 3.27 6.88
C PHE A 109 8.88 1.77 6.63
N LEU A 110 10.08 1.23 6.53
CA LEU A 110 10.25 -0.22 6.34
C LEU A 110 9.67 -1.02 7.50
N ASP A 111 9.86 -0.52 8.71
CA ASP A 111 9.34 -1.20 9.90
C ASP A 111 7.82 -1.34 9.89
N LYS A 112 7.12 -0.24 9.62
CA LYS A 112 5.65 -0.24 9.63
C LYS A 112 5.00 -1.01 8.48
N LEU A 113 5.72 -1.19 7.38
CA LEU A 113 5.31 -2.10 6.31
C LEU A 113 5.72 -3.56 6.57
N GLY A 114 6.51 -3.75 7.61
CA GLY A 114 6.94 -5.08 7.99
C GLY A 114 7.94 -5.65 7.02
N LEU A 115 8.82 -4.80 6.52
CA LEU A 115 9.85 -5.21 5.55
C LEU A 115 11.19 -5.18 6.20
N SER A 116 11.83 -6.35 6.36
CA SER A 116 13.12 -6.41 7.00
C SER A 116 14.19 -5.78 6.10
N GLN A 117 14.04 -5.92 4.80
CA GLN A 117 14.95 -5.31 3.82
C GLN A 117 14.23 -4.87 2.56
N ALA A 118 14.90 -4.00 1.83
CA ALA A 118 14.46 -3.55 0.53
C ALA A 118 15.69 -3.27 -0.32
N VAL A 119 15.58 -3.42 -1.64
CA VAL A 119 16.57 -2.85 -2.55
C VAL A 119 16.23 -1.38 -2.63
N PHE A 120 17.24 -0.52 -2.59
CA PHE A 120 17.02 0.92 -2.66
C PHE A 120 17.65 1.46 -3.92
N ILE A 121 16.86 2.19 -4.70
CA ILE A 121 17.29 2.77 -5.94
C ILE A 121 16.91 4.24 -5.89
N GLY A 122 17.90 5.11 -6.07
CA GLY A 122 17.66 6.53 -5.99
C GLY A 122 18.29 7.28 -7.15
N HIS A 123 17.76 8.48 -7.40
CA HIS A 123 18.29 9.39 -8.40
C HIS A 123 18.43 10.76 -7.76
N ASP A 124 19.53 11.44 -8.05
CA ASP A 124 19.79 12.82 -7.58
C ASP A 124 19.81 12.86 -6.05
N TRP A 125 19.02 13.72 -5.38
CA TRP A 125 18.92 13.67 -3.93
C TRP A 125 18.51 12.33 -3.38
N GLY A 126 17.65 11.63 -4.09
CA GLY A 126 17.31 10.27 -3.77
C GLY A 126 18.51 9.34 -3.90
N GLY A 127 19.41 9.65 -4.81
CA GLY A 127 20.66 8.90 -4.96
C GLY A 127 21.50 8.98 -3.72
N MET A 128 21.60 10.21 -3.24
CA MET A 128 22.35 10.59 -2.08
C MET A 128 21.85 9.87 -0.86
N LEU A 129 20.54 9.86 -0.72
CA LEU A 129 19.86 9.23 0.40
C LEU A 129 20.11 7.74 0.46
N VAL A 130 20.01 7.05 -0.67
CA VAL A 130 20.21 5.61 -0.67
C VAL A 130 21.66 5.24 -0.34
N TRP A 131 22.63 6.08 -0.69
CA TRP A 131 24.00 5.81 -0.31
C TRP A 131 24.16 5.81 1.20
N TYR A 132 23.55 6.82 1.78
CA TYR A 132 23.49 7.01 3.20
C TYR A 132 22.79 5.90 3.93
N MET A 133 21.78 5.34 3.32
CA MET A 133 21.10 4.20 3.89
C MET A 133 22.07 3.05 3.87
N ALA A 134 22.80 2.90 2.77
CA ALA A 134 23.76 1.83 2.64
C ALA A 134 24.87 1.86 3.68
N LEU A 135 25.23 3.05 4.11
CA LEU A 135 26.29 3.21 5.09
C LEU A 135 25.83 3.07 6.50
N PHE A 136 24.71 3.71 6.81
CA PHE A 136 24.23 3.74 8.17
C PHE A 136 23.20 2.68 8.50
N TYR A 137 22.54 2.12 7.48
CA TYR A 137 21.55 1.05 7.69
C TYR A 137 21.72 -0.15 6.73
N PRO A 138 22.95 -0.65 6.58
CA PRO A 138 23.21 -1.81 5.67
C PRO A 138 22.31 -3.01 5.93
N GLU A 139 21.95 -3.26 7.17
CA GLU A 139 21.05 -4.38 7.48
C GLU A 139 19.65 -4.25 6.87
N ARG A 140 19.16 -3.02 6.67
CA ARG A 140 17.84 -2.80 6.07
C ARG A 140 17.88 -2.63 4.56
N VAL A 141 19.07 -2.64 3.97
CA VAL A 141 19.24 -2.41 2.54
C VAL A 141 19.87 -3.67 1.90
N ARG A 142 19.09 -4.35 1.08
CA ARG A 142 19.47 -5.59 0.41
C ARG A 142 20.56 -5.35 -0.63
N ALA A 143 20.39 -4.26 -1.36
CA ALA A 143 21.25 -3.88 -2.45
C ALA A 143 20.98 -2.42 -2.70
N VAL A 144 21.94 -1.71 -3.29
CA VAL A 144 21.81 -0.25 -3.48
C VAL A 144 22.23 0.18 -4.86
N ALA A 145 21.41 1.01 -5.51
CA ALA A 145 21.69 1.51 -6.84
C ALA A 145 21.42 3.00 -6.92
N SER A 146 22.33 3.74 -7.52
CA SER A 146 22.18 5.17 -7.70
C SER A 146 22.32 5.55 -9.16
N LEU A 147 21.43 6.46 -9.59
CA LEU A 147 21.47 7.01 -10.92
C LEU A 147 22.01 8.42 -10.79
N ASN A 148 23.14 8.68 -11.45
CA ASN A 148 23.76 10.04 -11.52
C ASN A 148 24.55 10.46 -10.28
N THR A 149 24.00 10.19 -9.09
CA THR A 149 24.65 10.56 -7.84
C THR A 149 25.75 9.58 -7.46
N PRO A 150 27.00 10.06 -7.37
CA PRO A 150 28.10 9.22 -6.92
C PRO A 150 28.17 9.16 -5.41
N PHE A 151 28.90 8.18 -4.89
CA PHE A 151 29.20 8.15 -3.46
C PHE A 151 30.58 8.75 -3.26
N ILE A 152 30.61 9.95 -2.68
CA ILE A 152 31.84 10.66 -2.35
C ILE A 152 32.00 10.70 -0.83
N PRO A 153 33.01 9.98 -0.29
CA PRO A 153 33.32 10.04 1.14
C PRO A 153 33.49 11.46 1.65
N ALA A 154 33.08 11.69 2.89
CA ALA A 154 33.14 13.03 3.47
C ALA A 154 34.59 13.43 3.67
N ASN A 155 34.93 14.65 3.23
CA ASN A 155 36.25 15.24 3.47
C ASN A 155 36.21 16.01 4.80
N PRO A 156 36.85 15.45 5.85
CA PRO A 156 36.72 16.05 7.19
C PRO A 156 37.43 17.37 7.37
N ASN A 157 38.28 17.75 6.43
CA ASN A 157 39.00 19.01 6.52
C ASN A 157 38.40 20.06 5.64
N MET A 158 37.84 19.66 4.51
CA MET A 158 37.23 20.65 3.64
C MET A 158 35.75 20.86 4.00
N SER A 159 35.46 22.11 4.32
CA SER A 159 34.13 22.56 4.65
C SER A 159 33.25 22.18 3.49
N PRO A 160 31.92 22.06 3.73
CA PRO A 160 31.12 21.71 2.57
C PRO A 160 31.04 22.92 1.70
N LEU A 161 30.76 24.06 2.34
CA LEU A 161 30.66 25.33 1.65
C LEU A 161 31.85 25.57 0.76
N GLU A 162 32.97 25.01 1.18
CA GLU A 162 34.19 25.18 0.46
C GLU A 162 34.24 24.34 -0.80
N SER A 163 33.73 23.13 -0.73
CA SER A 163 33.79 22.25 -1.88
C SER A 163 33.02 22.81 -3.04
N ILE A 164 32.19 23.80 -2.78
CA ILE A 164 31.45 24.46 -3.81
C ILE A 164 32.26 25.59 -4.40
N LYS A 165 32.45 26.68 -3.67
CA LYS A 165 33.18 27.80 -4.24
C LYS A 165 34.48 27.33 -4.94
N ALA A 166 34.69 26.01 -4.99
CA ALA A 166 35.77 25.38 -5.73
C ALA A 166 35.28 24.65 -6.98
N ASN A 167 33.97 24.55 -7.15
CA ASN A 167 33.37 23.95 -8.33
C ASN A 167 32.27 24.89 -8.89
N PRO A 168 32.53 25.47 -10.08
CA PRO A 168 31.71 26.57 -10.63
C PRO A 168 30.24 26.22 -10.94
N VAL A 169 30.01 24.97 -11.33
CA VAL A 169 28.68 24.53 -11.73
C VAL A 169 27.75 24.25 -10.55
N PHE A 170 28.26 24.35 -9.32
CA PHE A 170 27.44 24.23 -8.12
C PHE A 170 27.00 25.58 -7.58
N ASP A 171 27.04 26.64 -8.38
CA ASP A 171 26.66 27.98 -7.89
C ASP A 171 25.17 28.06 -7.49
N TYR A 172 24.30 27.42 -8.26
CA TYR A 172 22.85 27.35 -7.92
C TYR A 172 22.53 26.84 -6.51
N GLN A 173 23.42 25.98 -5.97
CA GLN A 173 23.26 25.46 -4.63
C GLN A 173 23.31 26.54 -3.58
N LEU A 174 24.10 27.59 -3.81
CA LEU A 174 24.21 28.72 -2.89
C LEU A 174 22.96 29.60 -3.01
N TYR A 175 22.43 29.65 -4.24
CA TYR A 175 21.19 30.36 -4.55
C TYR A 175 20.02 29.74 -3.83
N PHE A 176 20.10 28.43 -3.63
CA PHE A 176 19.07 27.68 -2.93
C PHE A 176 19.12 27.83 -1.42
N GLN A 177 20.18 28.41 -0.85
CA GLN A 177 20.35 28.41 0.62
C GLN A 177 19.42 29.38 1.37
N GLU A 178 19.23 30.59 0.84
CA GLU A 178 18.37 31.58 1.49
C GLU A 178 16.88 31.20 1.34
N PRO A 179 16.23 30.87 2.47
CA PRO A 179 14.82 30.55 2.44
C PRO A 179 13.95 31.67 1.91
N GLY A 180 13.17 31.34 0.88
CA GLY A 180 12.18 32.23 0.28
C GLY A 180 12.60 32.69 -1.10
N VAL A 181 13.91 32.71 -1.37
CA VAL A 181 14.44 33.29 -2.61
C VAL A 181 14.16 32.38 -3.82
N ALA A 182 14.66 31.15 -3.77
CA ALA A 182 14.44 30.20 -4.86
C ALA A 182 12.97 29.79 -4.95
N GLU A 183 12.34 29.64 -3.80
CA GLU A 183 10.90 29.38 -3.70
C GLU A 183 10.08 30.32 -4.55
N ALA A 184 10.27 31.61 -4.36
CA ALA A 184 9.43 32.62 -5.00
C ALA A 184 9.64 32.64 -6.51
N GLU A 185 10.87 32.39 -6.96
CA GLU A 185 11.13 32.29 -8.41
C GLU A 185 10.59 31.00 -9.01
N LEU A 186 10.76 29.88 -8.31
CA LEU A 186 10.31 28.59 -8.81
C LEU A 186 8.77 28.42 -8.76
N GLU A 187 8.14 29.01 -7.75
CA GLU A 187 6.68 28.97 -7.61
C GLU A 187 5.92 30.00 -8.43
N GLN A 188 6.64 30.93 -9.07
CA GLN A 188 6.04 32.07 -9.79
C GLN A 188 5.14 31.59 -10.91
N ASN A 189 5.70 30.79 -11.80
CA ASN A 189 4.92 30.10 -12.82
C ASN A 189 5.41 28.65 -12.81
N LEU A 190 4.61 27.77 -12.22
CA LEU A 190 4.97 26.37 -12.06
C LEU A 190 5.08 25.65 -13.39
N SER A 191 4.18 26.01 -14.30
CA SER A 191 4.18 25.45 -15.65
C SER A 191 5.52 25.74 -16.38
N ARG A 192 5.98 26.99 -16.25
CA ARG A 192 7.25 27.42 -16.82
C ARG A 192 8.45 26.70 -16.17
N THR A 193 8.39 26.55 -14.84
CA THR A 193 9.46 25.92 -14.08
C THR A 193 9.76 24.53 -14.59
N PHE A 194 8.74 23.70 -14.70
CA PHE A 194 8.94 22.31 -15.08
C PHE A 194 9.33 22.14 -16.55
N LYS A 195 8.72 22.95 -17.42
CA LYS A 195 9.10 22.96 -18.84
C LYS A 195 10.56 23.39 -19.06
N SER A 196 11.03 24.27 -18.18
CA SER A 196 12.39 24.78 -18.24
C SER A 196 13.40 23.76 -17.72
N LEU A 197 13.02 23.05 -16.66
CA LEU A 197 13.91 22.07 -16.06
C LEU A 197 13.91 20.76 -16.82
N PHE A 198 12.75 20.19 -17.07
CA PHE A 198 12.67 18.86 -17.68
C PHE A 198 12.94 18.93 -19.18
N ARG A 199 14.22 19.03 -19.53
CA ARG A 199 14.65 19.11 -20.94
C ARG A 199 15.81 18.17 -21.16
N ALA A 200 16.00 17.71 -22.39
CA ALA A 200 17.20 16.93 -22.75
C ALA A 200 18.38 17.86 -22.70
N SER A 201 19.61 17.34 -22.60
CA SER A 201 20.80 18.19 -22.44
C SER A 201 21.00 19.14 -23.64
N ASP A 202 20.62 18.67 -24.82
CA ASP A 202 20.72 19.47 -26.05
C ASP A 202 19.58 20.49 -26.23
N GLU A 203 18.51 20.35 -25.46
CA GLU A 203 17.43 21.35 -25.46
C GLU A 203 17.56 22.36 -24.31
N SER A 204 18.54 22.15 -23.44
CA SER A 204 18.69 22.93 -22.22
C SER A 204 18.80 24.42 -22.47
N VAL A 205 18.08 25.19 -21.66
CA VAL A 205 18.05 26.66 -21.77
C VAL A 205 18.56 27.34 -20.48
N LEU A 206 19.35 26.62 -19.68
CA LEU A 206 19.87 27.11 -18.40
C LEU A 206 21.38 26.90 -18.29
N SER A 207 22.08 27.94 -17.84
CA SER A 207 23.45 27.83 -17.36
C SER A 207 23.47 27.87 -15.84
N MET A 208 24.13 26.85 -15.27
CA MET A 208 24.31 26.77 -13.83
C MET A 208 25.55 27.54 -13.36
N HIS A 209 26.21 28.27 -14.27
CA HIS A 209 27.39 29.08 -13.98
C HIS A 209 27.15 30.28 -13.05
N LYS A 210 26.32 31.23 -13.48
CA LYS A 210 26.21 32.54 -12.81
C LYS A 210 24.76 32.80 -12.47
N VAL A 211 24.30 32.16 -11.40
CA VAL A 211 22.90 32.23 -10.97
C VAL A 211 22.74 33.29 -9.88
N CYS A 212 23.69 33.35 -8.95
CA CYS A 212 23.61 34.26 -7.81
C CYS A 212 23.67 35.72 -8.23
N GLU A 213 24.67 36.08 -9.03
CA GLU A 213 24.89 37.48 -9.41
C GLU A 213 23.88 37.94 -10.45
N ALA A 214 23.67 37.14 -11.49
CA ALA A 214 22.70 37.45 -12.54
C ALA A 214 21.28 37.05 -12.15
N GLY A 215 20.69 37.78 -11.20
CA GLY A 215 19.30 37.56 -10.76
C GLY A 215 19.02 36.17 -10.18
N GLY A 216 18.19 35.39 -10.85
CA GLY A 216 17.85 34.02 -10.47
C GLY A 216 18.18 32.99 -11.53
N LEU A 217 17.54 31.82 -11.41
CA LEU A 217 17.80 30.66 -12.26
C LEU A 217 17.24 30.77 -13.67
N PHE A 218 16.20 31.58 -13.86
CA PHE A 218 15.50 31.69 -15.14
C PHE A 218 15.63 33.05 -15.84
N VAL A 219 16.39 33.99 -15.26
CA VAL A 219 16.42 35.39 -15.74
C VAL A 219 16.69 35.52 -17.26
N ASN A 220 17.60 34.70 -17.78
CA ASN A 220 17.98 34.74 -19.20
C ASN A 220 17.35 33.62 -20.06
N SER A 221 16.38 32.88 -19.51
CA SER A 221 15.68 31.80 -20.26
C SER A 221 14.25 32.24 -20.68
N PRO A 222 13.66 31.56 -21.67
CA PRO A 222 12.39 32.06 -22.26
C PRO A 222 11.22 32.10 -21.29
N GLU A 223 10.24 32.93 -21.60
CA GLU A 223 9.05 33.10 -20.75
C GLU A 223 8.02 32.04 -21.06
N GLU A 224 7.87 31.70 -22.33
CA GLU A 224 6.96 30.64 -22.78
C GLU A 224 7.79 29.53 -23.45
N PRO A 225 8.50 28.71 -22.64
CA PRO A 225 9.42 27.76 -23.22
C PRO A 225 8.70 26.64 -23.92
N SER A 226 9.35 26.03 -24.90
CA SER A 226 8.73 24.93 -25.63
C SER A 226 8.72 23.66 -24.79
N LEU A 227 7.89 22.71 -25.21
CA LEU A 227 7.80 21.41 -24.59
C LEU A 227 8.96 20.55 -25.08
N SER A 228 9.72 19.98 -24.14
CA SER A 228 10.80 19.06 -24.46
C SER A 228 10.28 17.80 -25.13
N ARG A 229 11.15 17.14 -25.89
CA ARG A 229 10.81 15.87 -26.55
C ARG A 229 10.50 14.78 -25.54
N MET A 230 11.06 14.89 -24.33
CA MET A 230 10.91 13.87 -23.28
C MET A 230 9.55 13.83 -22.63
N VAL A 231 8.86 14.97 -22.58
CA VAL A 231 7.60 15.09 -21.84
C VAL A 231 6.44 15.56 -22.68
N THR A 232 5.23 15.15 -22.30
CA THR A 232 3.99 15.65 -22.88
C THR A 232 3.50 16.80 -22.05
N GLU A 233 2.50 17.51 -22.54
CA GLU A 233 1.91 18.59 -21.79
C GLU A 233 1.17 18.06 -20.59
N GLU A 234 0.64 16.86 -20.73
CA GLU A 234 -0.13 16.22 -19.67
C GLU A 234 0.80 15.80 -18.53
N GLU A 235 2.03 15.40 -18.87
CA GLU A 235 2.99 15.01 -17.87
C GLU A 235 3.46 16.22 -17.09
N ILE A 236 3.69 17.33 -17.75
CA ILE A 236 4.07 18.58 -17.05
C ILE A 236 2.96 19.00 -16.10
N GLN A 237 1.70 18.95 -16.55
CA GLN A 237 0.59 19.35 -15.69
C GLN A 237 0.44 18.51 -14.41
N PHE A 238 0.87 17.24 -14.46
CA PHE A 238 0.85 16.40 -13.27
C PHE A 238 1.80 17.00 -12.20
N TYR A 239 3.02 17.36 -12.61
CA TYR A 239 3.98 17.97 -11.71
C TYR A 239 3.51 19.33 -11.18
N VAL A 240 2.89 20.14 -12.04
CA VAL A 240 2.30 21.41 -11.61
C VAL A 240 1.32 21.19 -10.45
N GLN A 241 0.37 20.29 -10.67
CA GLN A 241 -0.66 19.98 -9.68
C GLN A 241 -0.06 19.47 -8.37
N GLN A 242 0.98 18.64 -8.46
CA GLN A 242 1.66 18.09 -7.28
C GLN A 242 2.27 19.20 -6.41
N PHE A 243 2.97 20.12 -7.08
CA PHE A 243 3.71 21.18 -6.39
C PHE A 243 2.84 22.37 -5.97
N LYS A 244 1.57 22.39 -6.37
CA LYS A 244 0.62 23.40 -5.87
C LYS A 244 0.29 23.23 -4.39
N LYS A 245 0.52 22.05 -3.86
CA LYS A 245 0.00 21.68 -2.57
C LYS A 245 1.00 22.06 -1.46
N SER A 246 2.29 21.93 -1.74
CA SER A 246 3.31 22.33 -0.78
C SER A 246 4.36 23.31 -1.31
N GLY A 247 4.46 23.47 -2.62
CA GLY A 247 5.46 24.33 -3.17
C GLY A 247 6.85 23.75 -3.08
N PHE A 248 7.83 24.64 -3.21
CA PHE A 248 9.24 24.28 -3.31
C PHE A 248 10.05 24.35 -2.02
N ARG A 249 9.45 24.84 -0.94
CA ARG A 249 10.16 25.02 0.31
C ARG A 249 10.74 23.71 0.86
N GLY A 250 9.88 22.76 1.16
CA GLY A 250 10.32 21.43 1.55
C GLY A 250 11.37 20.82 0.63
N PRO A 251 11.11 20.79 -0.69
CA PRO A 251 12.09 20.26 -1.64
C PRO A 251 13.46 20.94 -1.58
N LEU A 252 13.45 22.28 -1.49
CA LEU A 252 14.68 23.04 -1.40
C LEU A 252 15.38 22.84 -0.07
N ASN A 253 14.63 22.61 1.01
CA ASN A 253 15.24 22.33 2.30
C ASN A 253 16.19 21.12 2.23
N TRP A 254 16.07 20.28 1.22
CA TRP A 254 17.03 19.20 0.99
C TRP A 254 18.47 19.72 0.81
N TYR A 255 18.59 20.88 0.19
CA TYR A 255 19.88 21.54 -0.03
C TYR A 255 20.43 22.34 1.15
N ARG A 256 19.65 22.49 2.22
CA ARG A 256 19.95 23.51 3.24
C ARG A 256 20.44 22.89 4.54
N ASN A 257 21.02 21.69 4.42
CA ASN A 257 21.50 20.95 5.54
C ASN A 257 22.88 20.43 5.27
N MET A 258 23.69 21.13 4.47
CA MET A 258 25.00 20.59 4.07
C MET A 258 25.94 20.44 5.24
N GLU A 259 25.91 21.39 6.18
CA GLU A 259 26.73 21.28 7.39
C GLU A 259 26.37 20.07 8.25
N ARG A 260 25.07 19.88 8.52
CA ARG A 260 24.60 18.72 9.27
C ARG A 260 24.93 17.38 8.57
N ASN A 261 24.72 17.32 7.25
CA ASN A 261 24.98 16.12 6.47
C ASN A 261 26.43 15.73 6.45
N TRP A 262 27.30 16.74 6.38
CA TRP A 262 28.75 16.57 6.42
C TRP A 262 29.16 16.09 7.80
N LYS A 263 28.64 16.76 8.85
CA LYS A 263 28.86 16.35 10.24
C LYS A 263 28.52 14.88 10.46
N TRP A 264 27.35 14.48 9.95
CA TRP A 264 26.84 13.12 10.10
C TRP A 264 27.66 12.13 9.29
N ALA A 265 27.97 12.49 8.05
CA ALA A 265 28.73 11.62 7.15
C ALA A 265 30.12 11.28 7.70
N CYS A 266 30.75 12.26 8.33
CA CYS A 266 32.07 12.06 8.91
C CYS A 266 32.12 10.96 9.97
N LYS A 267 31.02 10.71 10.69
CA LYS A 267 30.99 9.61 11.67
C LYS A 267 31.06 8.21 11.02
N SER A 268 30.81 8.16 9.71
CA SER A 268 30.92 6.93 8.94
C SER A 268 32.25 6.76 8.20
N LEU A 269 33.15 7.74 8.34
CA LEU A 269 34.34 7.88 7.49
C LEU A 269 35.15 6.61 7.19
N GLY A 270 35.23 5.68 8.14
CA GLY A 270 36.03 4.48 7.96
C GLY A 270 35.34 3.34 7.22
N ARG A 271 34.04 3.21 7.46
CA ARG A 271 33.29 2.00 7.10
C ARG A 271 32.99 1.87 5.61
N LYS A 272 32.64 0.65 5.21
CA LYS A 272 32.57 0.25 3.80
C LYS A 272 31.23 -0.39 3.44
N ILE A 273 30.74 -0.05 2.26
CA ILE A 273 29.51 -0.62 1.73
C ILE A 273 29.87 -1.99 1.18
N LEU A 274 29.39 -3.06 1.82
CA LEU A 274 29.70 -4.45 1.42
C LEU A 274 28.55 -5.15 0.67
N ILE A 275 27.36 -4.54 0.70
CA ILE A 275 26.19 -5.03 -0.01
C ILE A 275 26.35 -4.79 -1.52
N PRO A 276 25.63 -5.56 -2.37
CA PRO A 276 25.72 -5.27 -3.80
C PRO A 276 25.34 -3.85 -4.12
N ALA A 277 26.05 -3.27 -5.08
CA ALA A 277 25.93 -1.85 -5.40
C ALA A 277 26.06 -1.59 -6.88
N LEU A 278 25.26 -0.65 -7.39
CA LEU A 278 25.27 -0.28 -8.80
C LEU A 278 25.34 1.24 -8.92
N MET A 279 26.29 1.72 -9.70
CA MET A 279 26.38 3.12 -10.03
C MET A 279 26.12 3.30 -11.53
N VAL A 280 25.09 4.07 -11.84
CA VAL A 280 24.75 4.34 -13.20
C VAL A 280 25.06 5.81 -13.50
N THR A 281 25.83 6.02 -14.57
CA THR A 281 26.28 7.35 -14.97
C THR A 281 25.64 7.79 -16.28
N ALA A 282 25.28 9.07 -16.34
CA ALA A 282 24.66 9.68 -17.50
C ALA A 282 25.68 10.56 -18.21
N GLU A 283 26.03 10.22 -19.46
CA GLU A 283 27.10 10.90 -20.20
C GLU A 283 26.92 12.42 -20.21
N LYS A 284 25.69 12.90 -20.34
CA LYS A 284 25.43 14.34 -20.52
C LYS A 284 24.77 15.06 -19.33
N ASP A 285 24.93 14.51 -18.13
CA ASP A 285 24.60 15.22 -16.89
C ASP A 285 25.81 16.13 -16.63
N PHE A 286 25.61 17.44 -16.82
CA PHE A 286 26.67 18.43 -16.70
C PHE A 286 26.85 18.94 -15.29
N VAL A 287 25.98 18.51 -14.37
CA VAL A 287 26.13 18.80 -12.94
C VAL A 287 26.62 17.53 -12.23
N LEU A 288 25.96 16.39 -12.43
CA LEU A 288 26.43 15.13 -11.86
C LEU A 288 27.18 14.32 -12.89
N VAL A 289 28.39 14.80 -13.17
CA VAL A 289 29.27 14.27 -14.22
C VAL A 289 29.70 12.84 -13.87
N PRO A 290 29.82 11.96 -14.87
CA PRO A 290 30.35 10.60 -14.69
C PRO A 290 31.70 10.50 -13.98
N GLN A 291 32.67 11.32 -14.35
CA GLN A 291 34.01 11.28 -13.74
C GLN A 291 33.99 11.50 -12.22
N MET A 292 32.93 12.12 -11.70
CA MET A 292 32.76 12.30 -10.25
C MET A 292 32.72 10.99 -9.50
N SER A 293 32.38 9.91 -10.19
CA SER A 293 32.25 8.61 -9.59
C SER A 293 33.45 7.73 -9.76
N GLN A 294 34.52 8.23 -10.39
CA GLN A 294 35.59 7.35 -10.93
C GLN A 294 36.37 6.52 -9.88
N HIS A 295 36.41 6.96 -8.62
CA HIS A 295 37.16 6.23 -7.57
C HIS A 295 36.25 5.50 -6.59
N MET A 296 35.07 5.09 -7.04
CA MET A 296 34.13 4.46 -6.13
C MET A 296 34.47 2.99 -5.84
N GLU A 297 35.20 2.33 -6.72
CA GLU A 297 35.59 0.93 -6.43
C GLU A 297 36.62 0.86 -5.30
N ASP A 298 37.32 1.97 -5.05
CA ASP A 298 38.27 2.07 -3.94
C ASP A 298 37.59 2.01 -2.57
N TRP A 299 36.27 2.20 -2.54
CA TRP A 299 35.47 2.05 -1.32
C TRP A 299 34.42 0.94 -1.42
N ILE A 300 34.17 0.47 -2.64
CA ILE A 300 33.19 -0.56 -2.94
C ILE A 300 33.78 -1.44 -4.07
N PRO A 301 34.72 -2.36 -3.75
CA PRO A 301 35.49 -3.09 -4.80
C PRO A 301 34.64 -3.91 -5.77
N HIS A 302 33.51 -4.38 -5.28
CA HIS A 302 32.56 -5.22 -6.01
C HIS A 302 31.47 -4.40 -6.75
N LEU A 303 31.63 -3.08 -6.82
CA LEU A 303 30.66 -2.18 -7.46
C LEU A 303 30.47 -2.47 -8.94
N LYS A 304 29.22 -2.75 -9.32
CA LYS A 304 28.86 -2.84 -10.74
C LYS A 304 28.50 -1.48 -11.28
N ARG A 305 28.62 -1.34 -12.60
CA ARG A 305 28.35 -0.08 -13.28
C ARG A 305 27.46 -0.25 -14.49
N GLY A 306 26.78 0.83 -14.81
CA GLY A 306 26.09 0.97 -16.07
C GLY A 306 26.42 2.36 -16.58
N HIS A 307 26.36 2.52 -17.89
CA HIS A 307 26.58 3.82 -18.47
C HIS A 307 25.57 4.06 -19.57
N ILE A 308 25.06 5.28 -19.64
CA ILE A 308 24.03 5.62 -20.61
C ILE A 308 24.49 6.81 -21.44
N GLU A 309 24.66 6.56 -22.75
CA GLU A 309 25.10 7.60 -23.67
C GLU A 309 23.95 8.55 -23.98
N ASP A 310 24.30 9.74 -24.43
CA ASP A 310 23.31 10.72 -24.88
C ASP A 310 22.19 10.94 -23.86
N CYS A 311 22.55 10.92 -22.59
CA CYS A 311 21.57 11.02 -21.50
C CYS A 311 21.88 12.14 -20.52
N GLY A 312 20.90 13.00 -20.25
CA GLY A 312 21.06 14.14 -19.36
C GLY A 312 20.81 13.82 -17.90
N HIS A 313 20.56 14.86 -17.13
CA HIS A 313 20.22 14.72 -15.72
C HIS A 313 18.96 13.90 -15.43
N TRP A 314 17.93 14.05 -16.26
CA TRP A 314 16.60 13.45 -16.01
C TRP A 314 16.57 12.02 -16.58
N THR A 315 17.43 11.19 -16.00
CA THR A 315 17.83 9.92 -16.59
C THR A 315 16.66 8.98 -16.95
N GLN A 316 15.73 8.84 -16.01
CA GLN A 316 14.58 7.93 -16.14
C GLN A 316 13.67 8.33 -17.30
N MET A 317 13.52 9.64 -17.45
CA MET A 317 12.71 10.26 -18.48
C MET A 317 13.40 10.23 -19.85
N ASP A 318 14.73 10.30 -19.82
CA ASP A 318 15.54 10.48 -21.00
C ASP A 318 15.74 9.16 -21.71
N LYS A 319 16.31 8.19 -21.01
CA LYS A 319 16.62 6.91 -21.59
C LYS A 319 15.97 5.79 -20.78
N PRO A 320 14.62 5.82 -20.63
CA PRO A 320 13.91 4.81 -19.82
C PRO A 320 14.20 3.38 -20.21
N THR A 321 14.35 3.10 -21.49
CA THR A 321 14.57 1.74 -21.97
C THR A 321 15.93 1.20 -21.51
N GLU A 322 16.95 2.04 -21.56
CA GLU A 322 18.30 1.68 -21.12
C GLU A 322 18.32 1.55 -19.60
N VAL A 323 17.66 2.49 -18.92
CA VAL A 323 17.55 2.48 -17.45
C VAL A 323 16.94 1.16 -17.00
N ASN A 324 15.83 0.77 -17.61
CA ASN A 324 15.16 -0.48 -17.26
C ASN A 324 16.05 -1.67 -17.51
N GLN A 325 16.68 -1.75 -18.67
CA GLN A 325 17.58 -2.87 -19.00
C GLN A 325 18.71 -3.01 -18.00
N ILE A 326 19.30 -1.89 -17.62
CA ILE A 326 20.43 -1.87 -16.69
C ILE A 326 19.98 -2.30 -15.29
N LEU A 327 18.87 -1.73 -14.82
CA LEU A 327 18.38 -2.05 -13.49
C LEU A 327 17.95 -3.50 -13.39
N ILE A 328 17.15 -3.99 -14.32
CA ILE A 328 16.66 -5.37 -14.30
C ILE A 328 17.78 -6.38 -14.35
N LYS A 329 18.80 -6.14 -15.18
CA LYS A 329 19.92 -7.05 -15.31
C LYS A 329 20.69 -7.17 -14.01
N TRP A 330 20.89 -6.02 -13.36
CA TRP A 330 21.59 -5.97 -12.08
C TRP A 330 20.73 -6.60 -10.99
N LEU A 331 19.44 -6.30 -10.97
CA LEU A 331 18.53 -6.84 -9.96
C LEU A 331 18.46 -8.36 -10.04
N ASP A 332 18.35 -8.92 -11.24
CA ASP A 332 18.27 -10.37 -11.44
C ASP A 332 19.57 -11.10 -11.08
N SER A 333 20.71 -10.41 -11.06
CA SER A 333 22.00 -11.06 -10.80
C SER A 333 22.56 -10.76 -9.40
N ASP A 334 22.57 -9.50 -8.97
CA ASP A 334 22.93 -9.13 -7.58
C ASP A 334 21.92 -8.16 -6.92
N THR B 19 0.40 -9.99 20.09
CA THR B 19 0.45 -8.79 19.18
C THR B 19 -0.87 -8.56 18.38
N SER B 20 -1.32 -7.31 18.41
CA SER B 20 -2.46 -6.89 17.61
C SER B 20 -1.96 -5.78 16.70
N CYS B 21 -2.79 -4.80 16.45
CA CYS B 21 -2.45 -3.72 15.55
C CYS B 21 -2.87 -2.43 16.13
N ASN B 22 -2.15 -1.40 15.76
CA ASN B 22 -2.55 -0.09 16.12
C ASN B 22 -2.67 0.54 14.79
N PRO B 23 -3.85 1.05 14.42
CA PRO B 23 -4.00 1.56 13.06
C PRO B 23 -3.01 2.54 12.48
N SER B 24 -2.56 3.50 13.29
CA SER B 24 -1.60 4.54 12.83
C SER B 24 -0.16 4.01 12.74
N ASP B 25 0.03 2.74 13.10
CA ASP B 25 1.31 2.03 12.93
C ASP B 25 1.29 1.16 11.67
N MET B 26 0.24 1.27 10.87
CA MET B 26 0.09 0.40 9.70
C MET B 26 0.27 1.15 8.40
N SER B 27 0.68 0.43 7.37
CA SER B 27 0.60 0.97 6.02
C SER B 27 -0.86 0.97 5.58
N HIS B 28 -1.35 2.06 5.04
CA HIS B 28 -2.70 2.16 4.53
C HIS B 28 -2.71 2.33 3.01
N GLY B 29 -3.38 1.44 2.29
CA GLY B 29 -3.42 1.46 0.84
C GLY B 29 -4.81 1.74 0.29
N TYR B 30 -4.88 2.35 -0.88
CA TYR B 30 -6.16 2.76 -1.48
C TYR B 30 -6.10 2.49 -2.98
N VAL B 31 -7.09 1.79 -3.48
CA VAL B 31 -7.14 1.38 -4.88
C VAL B 31 -8.51 1.74 -5.38
N THR B 32 -8.54 2.49 -6.49
CA THR B 32 -9.81 2.82 -7.15
C THR B 32 -10.07 1.75 -8.17
N VAL B 33 -11.15 1.00 -7.95
CA VAL B 33 -11.51 -0.11 -8.82
C VAL B 33 -12.55 0.28 -9.86
N LYS B 34 -13.33 1.33 -9.58
CA LYS B 34 -14.35 1.85 -10.50
C LYS B 34 -14.39 3.32 -10.18
N PRO B 35 -14.70 4.18 -11.17
CA PRO B 35 -14.63 5.63 -10.99
C PRO B 35 -14.89 6.14 -9.57
N ARG B 36 -15.97 5.72 -8.94
CA ARG B 36 -16.29 6.21 -7.58
C ARG B 36 -16.19 5.15 -6.47
N VAL B 37 -15.54 4.03 -6.77
CA VAL B 37 -15.36 2.98 -5.78
C VAL B 37 -13.88 2.83 -5.48
N ARG B 38 -13.54 3.08 -4.21
CA ARG B 38 -12.18 3.01 -3.70
C ARG B 38 -12.12 1.99 -2.55
N LEU B 39 -11.26 0.99 -2.66
CA LEU B 39 -11.10 0.02 -1.57
C LEU B 39 -9.86 0.32 -0.74
N HIS B 40 -10.06 0.41 0.57
CA HIS B 40 -8.99 0.68 1.51
C HIS B 40 -8.51 -0.63 2.11
N PHE B 41 -7.22 -0.75 2.37
CA PHE B 41 -6.66 -1.92 3.01
C PHE B 41 -5.45 -1.56 3.84
N VAL B 42 -5.10 -2.43 4.76
CA VAL B 42 -3.86 -2.38 5.51
C VAL B 42 -2.89 -3.45 4.99
N GLU B 43 -1.60 -3.15 5.00
CA GLU B 43 -0.59 -4.03 4.42
C GLU B 43 0.59 -4.22 5.37
N LEU B 44 1.01 -5.47 5.56
CA LEU B 44 2.16 -5.78 6.41
C LEU B 44 2.86 -7.06 5.97
N GLY B 45 4.18 -6.99 5.85
CA GLY B 45 4.98 -8.18 5.62
C GLY B 45 5.38 -8.32 4.18
N SER B 46 6.35 -9.19 3.96
CA SER B 46 6.85 -9.54 2.64
C SER B 46 6.60 -11.01 2.43
N GLY B 47 6.58 -11.44 1.17
CA GLY B 47 6.35 -12.85 0.81
C GLY B 47 5.10 -12.98 -0.03
N PRO B 48 4.57 -14.21 -0.18
CA PRO B 48 3.33 -14.39 -0.95
C PRO B 48 2.14 -13.61 -0.37
N ALA B 49 1.31 -13.11 -1.28
CA ALA B 49 0.29 -12.11 -0.98
C ALA B 49 -0.91 -12.81 -0.38
N VAL B 50 -1.38 -12.36 0.78
CA VAL B 50 -2.51 -13.00 1.45
C VAL B 50 -3.56 -11.92 1.72
N CYS B 51 -4.70 -12.10 1.10
CA CYS B 51 -5.74 -11.12 1.14
C CYS B 51 -6.80 -11.59 2.15
N LEU B 52 -6.99 -10.82 3.22
CA LEU B 52 -7.92 -11.17 4.29
C LEU B 52 -9.23 -10.39 4.13
N CYS B 53 -10.34 -11.09 4.08
CA CYS B 53 -11.64 -10.48 3.85
C CYS B 53 -12.58 -10.75 5.01
N HIS B 54 -12.89 -9.69 5.74
CA HIS B 54 -13.77 -9.78 6.90
C HIS B 54 -15.22 -9.97 6.52
N GLY B 55 -16.02 -10.25 7.54
CA GLY B 55 -17.45 -10.35 7.38
C GLY B 55 -18.31 -9.23 7.94
N PHE B 56 -19.53 -9.61 8.31
CA PHE B 56 -20.54 -8.67 8.73
C PHE B 56 -20.69 -8.72 10.25
N PRO B 57 -20.72 -7.56 10.94
CA PRO B 57 -20.42 -6.20 10.47
C PRO B 57 -19.05 -5.80 11.01
N GLU B 58 -18.02 -6.10 10.25
CA GLU B 58 -16.69 -6.05 10.80
C GLU B 58 -15.81 -5.00 10.08
N SER B 59 -14.50 -5.28 10.00
CA SER B 59 -13.50 -4.33 9.57
C SER B 59 -12.18 -5.06 9.34
N TRP B 60 -11.24 -4.40 8.68
CA TRP B 60 -9.89 -4.96 8.52
C TRP B 60 -9.38 -5.33 9.88
N TYR B 61 -9.77 -4.49 10.85
CA TYR B 61 -9.36 -4.55 12.25
C TYR B 61 -9.67 -5.86 12.94
N SER B 62 -10.68 -6.56 12.44
CA SER B 62 -11.02 -7.89 12.92
C SER B 62 -9.91 -8.92 12.72
N TRP B 63 -8.97 -8.62 11.82
CA TRP B 63 -7.82 -9.48 11.58
C TRP B 63 -6.59 -9.07 12.39
N ARG B 64 -6.76 -8.15 13.33
CA ARG B 64 -5.64 -7.66 14.16
C ARG B 64 -4.72 -8.72 14.75
N TYR B 65 -5.25 -9.87 15.14
CA TYR B 65 -4.38 -10.94 15.70
C TYR B 65 -3.66 -11.78 14.64
N GLN B 66 -4.17 -11.77 13.42
CA GLN B 66 -3.60 -12.57 12.33
C GLN B 66 -2.56 -11.78 11.55
N ILE B 67 -2.78 -10.47 11.42
CA ILE B 67 -1.92 -9.66 10.56
C ILE B 67 -0.45 -9.80 10.93
N PRO B 68 -0.08 -9.52 12.20
CA PRO B 68 1.33 -9.65 12.55
C PRO B 68 1.82 -11.10 12.58
N ALA B 69 0.97 -12.03 12.97
CA ALA B 69 1.35 -13.44 12.97
C ALA B 69 1.68 -13.97 11.61
N LEU B 70 0.82 -13.66 10.64
CA LEU B 70 1.02 -14.09 9.26
C LEU B 70 2.23 -13.39 8.65
N ALA B 71 2.37 -12.10 8.93
CA ALA B 71 3.52 -11.34 8.48
C ALA B 71 4.83 -11.90 9.01
N GLN B 72 4.89 -12.13 10.32
CA GLN B 72 6.06 -12.75 10.93
C GLN B 72 6.35 -14.15 10.33
N ALA B 73 5.33 -14.89 9.94
CA ALA B 73 5.49 -16.23 9.36
C ALA B 73 5.97 -16.21 7.90
N GLY B 74 6.22 -15.03 7.34
CA GLY B 74 6.75 -14.89 6.00
C GLY B 74 5.74 -14.58 4.91
N TYR B 75 4.66 -13.86 5.24
CA TYR B 75 3.60 -13.57 4.27
C TYR B 75 3.31 -12.07 4.16
N ARG B 76 2.88 -11.65 2.97
CA ARG B 76 2.53 -10.26 2.71
C ARG B 76 1.03 -10.16 2.89
N VAL B 77 0.62 -9.56 4.00
CA VAL B 77 -0.78 -9.56 4.36
C VAL B 77 -1.44 -8.27 3.87
N LEU B 78 -2.51 -8.42 3.10
CA LEU B 78 -3.35 -7.28 2.75
C LEU B 78 -4.69 -7.51 3.44
N ALA B 79 -4.98 -6.74 4.46
CA ALA B 79 -6.24 -6.89 5.17
C ALA B 79 -7.21 -5.79 4.73
N MET B 80 -8.29 -6.20 4.09
CA MET B 80 -9.22 -5.25 3.43
C MET B 80 -10.26 -4.70 4.40
N ASP B 81 -10.68 -3.46 4.13
CA ASP B 81 -12.02 -3.02 4.46
C ASP B 81 -12.81 -3.42 3.21
N MET B 82 -13.83 -4.25 3.36
CA MET B 82 -14.63 -4.67 2.26
C MET B 82 -15.50 -3.50 1.80
N LYS B 83 -16.01 -3.58 0.59
CA LYS B 83 -16.86 -2.53 0.09
C LYS B 83 -18.00 -2.30 1.05
N GLY B 84 -18.21 -1.03 1.42
CA GLY B 84 -19.28 -0.63 2.34
C GLY B 84 -18.81 -0.34 3.76
N TYR B 85 -17.52 -0.58 4.01
CA TYR B 85 -16.99 -0.57 5.37
C TYR B 85 -15.80 0.38 5.54
N GLY B 86 -15.64 0.89 6.75
CA GLY B 86 -14.50 1.71 7.09
C GLY B 86 -14.21 2.80 6.09
N GLU B 87 -13.00 2.79 5.54
CA GLU B 87 -12.55 3.83 4.63
C GLU B 87 -12.79 3.48 3.17
N SER B 88 -13.41 2.33 2.90
CA SER B 88 -13.77 1.94 1.54
C SER B 88 -15.04 2.65 1.16
N SER B 89 -15.30 2.74 -0.14
CA SER B 89 -16.48 3.42 -0.61
C SER B 89 -17.68 2.62 -0.16
N ALA B 90 -18.76 3.34 0.15
CA ALA B 90 -20.02 2.70 0.51
C ALA B 90 -21.14 3.28 -0.33
N PRO B 91 -21.21 2.89 -1.64
CA PRO B 91 -22.35 3.33 -2.47
C PRO B 91 -23.67 2.81 -1.93
N PRO B 92 -24.75 3.58 -2.07
CA PRO B 92 -26.02 3.21 -1.44
C PRO B 92 -26.83 2.14 -2.16
N GLU B 93 -26.52 1.91 -3.44
CA GLU B 93 -27.27 0.98 -4.27
C GLU B 93 -27.06 -0.47 -3.85
N ILE B 94 -28.17 -1.17 -3.70
CA ILE B 94 -28.18 -2.58 -3.32
C ILE B 94 -27.37 -3.45 -4.27
N GLU B 95 -27.54 -3.22 -5.57
CA GLU B 95 -26.91 -4.01 -6.64
C GLU B 95 -25.40 -3.96 -6.62
N GLU B 96 -24.83 -2.93 -5.97
CA GLU B 96 -23.38 -2.76 -5.87
C GLU B 96 -22.72 -3.80 -4.99
N TYR B 97 -23.53 -4.53 -4.21
CA TYR B 97 -23.01 -5.49 -3.24
C TYR B 97 -23.39 -6.94 -3.51
N CYS B 98 -23.79 -7.22 -4.74
CA CYS B 98 -23.99 -8.59 -5.15
C CYS B 98 -22.63 -9.18 -5.36
N MET B 99 -22.56 -10.46 -5.18
CA MET B 99 -21.30 -11.15 -5.18
C MET B 99 -20.52 -11.03 -6.49
N GLU B 100 -21.22 -11.05 -7.63
CA GLU B 100 -20.59 -10.90 -8.94
C GLU B 100 -19.76 -9.61 -9.07
N VAL B 101 -20.32 -8.52 -8.56
CA VAL B 101 -19.73 -7.20 -8.65
C VAL B 101 -18.59 -7.09 -7.66
N LEU B 102 -18.79 -7.57 -6.45
CA LEU B 102 -17.72 -7.57 -5.42
C LEU B 102 -16.55 -8.38 -5.84
N CYS B 103 -16.80 -9.53 -6.49
CA CYS B 103 -15.72 -10.41 -6.96
C CYS B 103 -14.89 -9.76 -8.06
N LYS B 104 -15.55 -9.20 -9.08
CA LYS B 104 -14.85 -8.48 -10.18
C LYS B 104 -14.05 -7.31 -9.65
N GLU B 105 -14.56 -6.65 -8.62
CA GLU B 105 -13.83 -5.52 -8.04
C GLU B 105 -12.56 -5.96 -7.33
N MET B 106 -12.58 -7.14 -6.71
CA MET B 106 -11.38 -7.72 -6.09
C MET B 106 -10.36 -8.14 -7.14
N VAL B 107 -10.81 -8.51 -8.33
CA VAL B 107 -9.93 -8.84 -9.46
C VAL B 107 -9.26 -7.59 -9.96
N THR B 108 -10.03 -6.53 -10.11
CA THR B 108 -9.51 -5.22 -10.51
C THR B 108 -8.52 -4.72 -9.45
N PHE B 109 -8.84 -4.98 -8.18
CA PHE B 109 -7.93 -4.69 -7.08
C PHE B 109 -6.55 -5.35 -7.27
N LEU B 110 -6.52 -6.64 -7.60
CA LEU B 110 -5.26 -7.35 -7.88
C LEU B 110 -4.52 -6.80 -9.09
N ASP B 111 -5.27 -6.39 -10.11
CA ASP B 111 -4.68 -5.86 -11.35
C ASP B 111 -3.97 -4.56 -11.10
N LYS B 112 -4.61 -3.63 -10.37
CA LYS B 112 -3.99 -2.33 -10.07
C LYS B 112 -2.77 -2.47 -9.12
N LEU B 113 -2.77 -3.49 -8.27
CA LEU B 113 -1.62 -3.78 -7.40
C LEU B 113 -0.54 -4.55 -8.13
N GLY B 114 -0.88 -5.08 -9.30
CA GLY B 114 0.04 -5.87 -10.09
C GLY B 114 0.28 -7.25 -9.53
N LEU B 115 -0.74 -7.80 -8.89
CA LEU B 115 -0.63 -9.14 -8.31
C LEU B 115 -1.33 -10.15 -9.22
N SER B 116 -0.57 -11.11 -9.73
CA SER B 116 -1.13 -12.10 -10.65
C SER B 116 -1.99 -13.10 -9.91
N GLN B 117 -1.55 -13.45 -8.69
CA GLN B 117 -2.28 -14.31 -7.77
C GLN B 117 -2.20 -13.79 -6.33
N ALA B 118 -3.10 -14.33 -5.50
CA ALA B 118 -3.08 -14.14 -4.07
C ALA B 118 -3.79 -15.30 -3.42
N VAL B 119 -3.38 -15.58 -2.20
CA VAL B 119 -4.17 -16.42 -1.32
C VAL B 119 -5.32 -15.58 -0.77
N PHE B 120 -6.53 -16.09 -0.87
CA PHE B 120 -7.67 -15.41 -0.28
C PHE B 120 -8.13 -16.16 0.98
N ILE B 121 -8.23 -15.43 2.08
CA ILE B 121 -8.76 -15.95 3.30
C ILE B 121 -9.91 -15.06 3.71
N GLY B 122 -11.09 -15.63 3.85
CA GLY B 122 -12.21 -14.87 4.31
C GLY B 122 -12.97 -15.47 5.48
N HIS B 123 -13.81 -14.64 6.09
CA HIS B 123 -14.64 -15.04 7.23
C HIS B 123 -16.03 -14.49 7.01
N ASP B 124 -17.04 -15.28 7.32
CA ASP B 124 -18.44 -14.86 7.24
C ASP B 124 -18.77 -14.44 5.79
N TRP B 125 -19.26 -13.22 5.55
CA TRP B 125 -19.50 -12.83 4.17
C TRP B 125 -18.27 -12.83 3.33
N GLY B 126 -17.16 -12.49 3.93
CA GLY B 126 -15.90 -12.57 3.25
C GLY B 126 -15.53 -13.98 2.86
N GLY B 127 -16.00 -14.95 3.64
CA GLY B 127 -15.82 -16.35 3.34
C GLY B 127 -16.58 -16.76 2.13
N MET B 128 -17.79 -16.27 2.03
CA MET B 128 -18.60 -16.48 0.85
C MET B 128 -17.95 -15.87 -0.40
N LEU B 129 -17.46 -14.65 -0.28
CA LEU B 129 -16.74 -13.96 -1.36
C LEU B 129 -15.53 -14.76 -1.83
N VAL B 130 -14.75 -15.34 -0.93
CA VAL B 130 -13.56 -16.07 -1.35
C VAL B 130 -13.87 -17.39 -2.05
N TRP B 131 -14.94 -18.10 -1.66
CA TRP B 131 -15.33 -19.30 -2.39
C TRP B 131 -15.68 -18.93 -3.84
N TYR B 132 -16.48 -17.87 -4.02
CA TYR B 132 -16.78 -17.39 -5.37
C TYR B 132 -15.56 -16.91 -6.16
N MET B 133 -14.63 -16.22 -5.53
CA MET B 133 -13.34 -15.92 -6.16
C MET B 133 -12.68 -17.20 -6.66
N ALA B 134 -12.69 -18.24 -5.84
CA ALA B 134 -12.09 -19.53 -6.20
C ALA B 134 -12.84 -20.23 -7.31
N LEU B 135 -14.16 -20.06 -7.29
CA LEU B 135 -15.03 -20.68 -8.28
C LEU B 135 -14.85 -20.05 -9.67
N PHE B 136 -15.00 -18.73 -9.72
CA PHE B 136 -15.00 -17.96 -10.98
C PHE B 136 -13.66 -17.35 -11.40
N TYR B 137 -12.70 -17.22 -10.48
CA TYR B 137 -11.40 -16.68 -10.79
C TYR B 137 -10.25 -17.51 -10.22
N PRO B 138 -10.29 -18.84 -10.44
CA PRO B 138 -9.24 -19.68 -9.85
C PRO B 138 -7.83 -19.35 -10.30
N GLU B 139 -7.67 -18.79 -11.50
CA GLU B 139 -6.36 -18.36 -11.98
C GLU B 139 -5.77 -17.21 -11.15
N ARG B 140 -6.61 -16.45 -10.46
CA ARG B 140 -6.13 -15.32 -9.63
C ARG B 140 -6.02 -15.67 -8.14
N VAL B 141 -6.41 -16.89 -7.78
CA VAL B 141 -6.47 -17.36 -6.40
C VAL B 141 -5.47 -18.51 -6.23
N ARG B 142 -4.42 -18.24 -5.48
CA ARG B 142 -3.32 -19.18 -5.27
C ARG B 142 -3.83 -20.36 -4.46
N ALA B 143 -4.58 -20.00 -3.40
CA ALA B 143 -5.20 -20.93 -2.49
C ALA B 143 -6.34 -20.19 -1.79
N VAL B 144 -7.30 -20.92 -1.24
CA VAL B 144 -8.48 -20.30 -0.63
C VAL B 144 -8.77 -20.93 0.74
N ALA B 145 -9.00 -20.09 1.75
CA ALA B 145 -9.40 -20.59 3.06
C ALA B 145 -10.59 -19.80 3.56
N SER B 146 -11.47 -20.51 4.26
CA SER B 146 -12.64 -19.87 4.82
C SER B 146 -12.85 -20.25 6.26
N LEU B 147 -13.19 -19.25 7.06
CA LEU B 147 -13.49 -19.43 8.46
C LEU B 147 -14.98 -19.42 8.61
N ASN B 148 -15.54 -20.49 9.19
CA ASN B 148 -17.00 -20.63 9.45
C ASN B 148 -17.89 -20.85 8.20
N THR B 149 -17.67 -20.07 7.15
CA THR B 149 -18.57 -20.06 6.01
C THR B 149 -18.23 -21.22 5.10
N PRO B 150 -19.21 -22.11 4.86
CA PRO B 150 -18.98 -23.26 4.00
C PRO B 150 -19.21 -22.90 2.55
N PHE B 151 -18.77 -23.76 1.63
CA PHE B 151 -19.17 -23.65 0.23
C PHE B 151 -20.25 -24.68 -0.04
N ILE B 152 -21.47 -24.18 -0.24
CA ILE B 152 -22.62 -25.00 -0.60
C ILE B 152 -23.01 -24.61 -2.04
N PRO B 153 -22.92 -25.57 -2.99
CA PRO B 153 -23.26 -25.26 -4.39
C PRO B 153 -24.71 -24.87 -4.56
N ALA B 154 -24.95 -23.92 -5.45
CA ALA B 154 -26.30 -23.39 -5.66
C ALA B 154 -27.25 -24.54 -6.00
N ASN B 155 -28.47 -24.44 -5.49
CA ASN B 155 -29.53 -25.39 -5.78
C ASN B 155 -30.46 -24.75 -6.82
N PRO B 156 -30.38 -25.19 -8.08
CA PRO B 156 -31.14 -24.49 -9.14
C PRO B 156 -32.66 -24.65 -9.02
N ASN B 157 -33.13 -25.60 -8.24
CA ASN B 157 -34.57 -25.86 -8.05
C ASN B 157 -35.10 -25.35 -6.72
N MET B 158 -34.34 -24.49 -6.05
CA MET B 158 -34.76 -23.92 -4.79
C MET B 158 -34.21 -22.50 -4.67
N SER B 159 -35.12 -21.52 -4.65
CA SER B 159 -34.73 -20.12 -4.44
C SER B 159 -34.02 -19.96 -3.09
N PRO B 160 -33.34 -18.81 -2.88
CA PRO B 160 -32.74 -18.58 -1.57
C PRO B 160 -33.76 -18.25 -0.48
N LEU B 161 -34.92 -17.69 -0.87
CA LEU B 161 -36.03 -17.43 0.08
C LEU B 161 -36.62 -18.72 0.67
N GLU B 162 -36.59 -19.80 -0.11
CA GLU B 162 -37.11 -21.06 0.37
C GLU B 162 -36.13 -21.78 1.29
N SER B 163 -34.83 -21.50 1.16
CA SER B 163 -33.82 -22.06 2.06
C SER B 163 -33.81 -21.38 3.42
N ILE B 164 -34.12 -20.09 3.45
CA ILE B 164 -34.21 -19.36 4.70
C ILE B 164 -35.44 -19.76 5.52
N LYS B 165 -36.54 -20.11 4.84
CA LYS B 165 -37.77 -20.55 5.53
C LYS B 165 -37.54 -21.87 6.28
N ALA B 166 -36.91 -22.83 5.59
CA ALA B 166 -36.59 -24.15 6.14
C ALA B 166 -35.72 -24.07 7.40
N ASN B 167 -34.71 -23.19 7.39
CA ASN B 167 -33.85 -22.99 8.57
C ASN B 167 -34.16 -21.69 9.32
N PRO B 168 -34.88 -21.78 10.45
CA PRO B 168 -35.36 -20.57 11.13
C PRO B 168 -34.27 -19.80 11.91
N VAL B 169 -33.05 -20.33 11.94
CA VAL B 169 -31.92 -19.61 12.54
C VAL B 169 -31.39 -18.49 11.62
N PHE B 170 -31.78 -18.54 10.34
CA PHE B 170 -31.55 -17.43 9.40
C PHE B 170 -32.72 -16.44 9.34
N ASP B 171 -33.51 -16.31 10.41
CA ASP B 171 -34.70 -15.43 10.41
C ASP B 171 -34.25 -13.96 10.36
N TYR B 172 -33.16 -13.64 11.06
CA TYR B 172 -32.59 -12.28 11.06
C TYR B 172 -32.28 -11.76 9.65
N GLN B 173 -32.04 -12.66 8.70
CA GLN B 173 -31.75 -12.28 7.34
C GLN B 173 -32.95 -11.68 6.63
N LEU B 174 -34.15 -12.06 7.04
CA LEU B 174 -35.36 -11.50 6.47
C LEU B 174 -35.57 -10.09 7.01
N TYR B 175 -35.26 -9.93 8.29
CA TYR B 175 -35.31 -8.65 8.97
C TYR B 175 -34.34 -7.65 8.33
N PHE B 176 -33.26 -8.18 7.74
CA PHE B 176 -32.26 -7.36 7.06
C PHE B 176 -32.65 -6.94 5.67
N GLN B 177 -33.71 -7.51 5.08
CA GLN B 177 -34.02 -7.24 3.67
C GLN B 177 -34.59 -5.86 3.39
N GLU B 178 -35.55 -5.40 4.19
CA GLU B 178 -36.22 -4.12 3.94
C GLU B 178 -35.21 -2.99 4.25
N PRO B 179 -34.86 -2.18 3.24
CA PRO B 179 -33.90 -1.10 3.46
C PRO B 179 -34.41 -0.07 4.47
N GLY B 180 -33.53 0.33 5.38
CA GLY B 180 -33.84 1.30 6.41
C GLY B 180 -34.14 0.65 7.75
N VAL B 181 -34.78 -0.51 7.74
CA VAL B 181 -35.30 -1.10 8.99
C VAL B 181 -34.17 -1.53 9.92
N ALA B 182 -33.32 -2.44 9.46
CA ALA B 182 -32.22 -2.90 10.30
C ALA B 182 -31.21 -1.79 10.56
N GLU B 183 -31.08 -0.86 9.61
CA GLU B 183 -30.20 0.29 9.77
C GLU B 183 -30.57 1.10 11.01
N ALA B 184 -31.84 1.45 11.16
CA ALA B 184 -32.30 2.31 12.27
C ALA B 184 -31.94 1.75 13.64
N GLU B 185 -32.09 0.44 13.78
CA GLU B 185 -31.80 -0.24 15.04
C GLU B 185 -30.31 -0.39 15.30
N LEU B 186 -29.54 -0.83 14.30
CA LEU B 186 -28.08 -0.99 14.46
C LEU B 186 -27.39 0.36 14.58
N GLU B 187 -27.94 1.39 13.94
CA GLU B 187 -27.33 2.71 13.98
C GLU B 187 -27.72 3.53 15.20
N GLN B 188 -28.82 3.19 15.88
CA GLN B 188 -29.34 3.97 17.01
C GLN B 188 -28.23 4.21 18.04
N ASN B 189 -27.55 3.13 18.46
CA ASN B 189 -26.56 3.24 19.50
C ASN B 189 -25.43 2.30 19.15
N LEU B 190 -24.35 2.86 18.58
CA LEU B 190 -23.29 2.04 17.96
C LEU B 190 -22.53 1.24 18.99
N SER B 191 -22.23 1.86 20.12
CA SER B 191 -21.54 1.20 21.21
C SER B 191 -22.32 -0.04 21.68
N ARG B 192 -23.64 0.12 21.82
CA ARG B 192 -24.53 -0.98 22.23
C ARG B 192 -24.54 -2.09 21.19
N THR B 193 -24.67 -1.69 19.92
CA THR B 193 -24.68 -2.61 18.81
C THR B 193 -23.46 -3.53 18.84
N PHE B 194 -22.27 -2.98 19.02
CA PHE B 194 -21.04 -3.79 18.95
C PHE B 194 -20.76 -4.59 20.19
N LYS B 195 -21.11 -4.04 21.34
CA LYS B 195 -21.03 -4.78 22.59
C LYS B 195 -21.99 -5.98 22.62
N SER B 196 -23.15 -5.84 21.97
CA SER B 196 -24.13 -6.91 21.92
C SER B 196 -23.75 -8.00 20.91
N LEU B 197 -23.12 -7.60 19.83
CA LEU B 197 -22.69 -8.53 18.80
C LEU B 197 -21.40 -9.24 19.12
N PHE B 198 -20.36 -8.53 19.58
CA PHE B 198 -19.05 -9.16 19.72
C PHE B 198 -18.88 -9.90 21.05
N ARG B 199 -19.48 -11.07 21.16
CA ARG B 199 -19.52 -11.83 22.41
C ARG B 199 -19.15 -13.27 22.19
N ALA B 200 -18.53 -13.91 23.17
CA ALA B 200 -18.30 -15.36 23.11
C ALA B 200 -19.65 -16.04 23.13
N SER B 201 -19.71 -17.28 22.62
CA SER B 201 -20.98 -18.01 22.53
C SER B 201 -21.74 -18.16 23.84
N ASP B 202 -21.00 -18.39 24.92
CA ASP B 202 -21.59 -18.50 26.24
C ASP B 202 -22.07 -17.14 26.82
N GLU B 203 -21.57 -16.03 26.26
CA GLU B 203 -21.98 -14.70 26.72
C GLU B 203 -23.06 -14.09 25.84
N SER B 204 -23.66 -14.88 24.96
CA SER B 204 -24.63 -14.37 24.00
C SER B 204 -25.90 -13.82 24.65
N VAL B 205 -26.39 -12.71 24.12
CA VAL B 205 -27.63 -12.07 24.56
C VAL B 205 -28.63 -11.95 23.40
N LEU B 206 -28.37 -12.65 22.29
CA LEU B 206 -29.08 -12.43 21.03
C LEU B 206 -30.10 -13.52 20.73
N SER B 207 -31.33 -13.09 20.47
CA SER B 207 -32.41 -13.94 20.00
C SER B 207 -32.37 -13.96 18.46
N MET B 208 -31.80 -15.03 17.88
CA MET B 208 -31.74 -15.18 16.41
C MET B 208 -33.02 -15.75 15.80
N HIS B 209 -33.86 -16.37 16.62
CA HIS B 209 -35.01 -17.13 16.13
C HIS B 209 -36.20 -16.24 15.77
N LYS B 210 -36.54 -15.28 16.64
CA LYS B 210 -37.74 -14.44 16.43
C LYS B 210 -37.33 -12.99 16.44
N VAL B 211 -36.85 -12.53 15.28
CA VAL B 211 -36.38 -11.18 15.11
C VAL B 211 -37.48 -10.30 14.51
N CYS B 212 -38.18 -10.84 13.52
CA CYS B 212 -39.24 -10.11 12.82
C CYS B 212 -40.47 -9.93 13.71
N GLU B 213 -40.82 -10.97 14.48
CA GLU B 213 -41.91 -10.91 15.46
C GLU B 213 -41.66 -9.91 16.58
N ALA B 214 -40.42 -9.87 17.07
CA ALA B 214 -40.01 -8.98 18.15
C ALA B 214 -39.99 -7.52 17.71
N GLY B 215 -39.76 -7.28 16.41
CA GLY B 215 -39.64 -5.93 15.86
C GLY B 215 -38.19 -5.47 15.77
N GLY B 216 -37.33 -6.01 16.63
CA GLY B 216 -35.92 -5.66 16.66
C GLY B 216 -35.01 -6.82 16.96
N LEU B 217 -33.74 -6.67 16.61
CA LEU B 217 -32.71 -7.64 16.89
C LEU B 217 -32.23 -7.63 18.35
N PHE B 218 -32.21 -6.45 18.97
CA PHE B 218 -31.72 -6.27 20.33
C PHE B 218 -32.84 -6.02 21.33
N VAL B 219 -34.08 -5.92 20.86
CA VAL B 219 -35.19 -5.34 21.66
C VAL B 219 -35.54 -6.13 22.94
N ASN B 220 -34.97 -7.32 23.09
CA ASN B 220 -35.13 -8.14 24.28
C ASN B 220 -33.83 -8.32 25.07
N SER B 221 -32.75 -7.66 24.63
CA SER B 221 -31.44 -7.73 25.30
C SER B 221 -31.03 -6.40 25.97
N PRO B 222 -30.02 -6.41 26.88
CA PRO B 222 -29.73 -5.28 27.75
C PRO B 222 -29.53 -3.94 27.07
N GLU B 223 -29.85 -2.88 27.80
CA GLU B 223 -29.67 -1.50 27.32
C GLU B 223 -28.22 -1.08 27.46
N GLU B 224 -27.53 -1.56 28.49
CA GLU B 224 -26.15 -1.20 28.78
C GLU B 224 -25.33 -2.49 28.95
N PRO B 225 -25.08 -3.21 27.85
CA PRO B 225 -24.48 -4.54 27.95
C PRO B 225 -23.05 -4.49 28.42
N SER B 226 -22.58 -5.58 29.00
CA SER B 226 -21.20 -5.65 29.47
C SER B 226 -20.25 -5.86 28.29
N LEU B 227 -18.98 -5.61 28.56
CA LEU B 227 -17.89 -5.88 27.64
C LEU B 227 -17.61 -7.36 27.68
N SER B 228 -17.66 -8.03 26.54
CA SER B 228 -17.29 -9.44 26.46
C SER B 228 -15.83 -9.63 26.85
N ARG B 229 -15.53 -10.78 27.46
CA ARG B 229 -14.12 -11.14 27.76
C ARG B 229 -13.22 -11.09 26.52
N MET B 230 -13.80 -11.21 25.33
CA MET B 230 -13.08 -11.13 24.06
C MET B 230 -12.53 -9.76 23.70
N VAL B 231 -13.21 -8.68 24.09
CA VAL B 231 -12.86 -7.34 23.63
C VAL B 231 -12.63 -6.35 24.76
N THR B 232 -11.84 -5.31 24.47
CA THR B 232 -11.66 -4.15 25.35
C THR B 232 -12.55 -3.03 24.85
N GLU B 233 -12.75 -2.02 25.69
CA GLU B 233 -13.57 -0.84 25.36
C GLU B 233 -12.92 -0.07 24.21
N GLU B 234 -11.59 -0.06 24.19
CA GLU B 234 -10.83 0.61 23.13
C GLU B 234 -11.19 0.00 21.78
N GLU B 235 -11.19 -1.34 21.72
CA GLU B 235 -11.44 -2.05 20.48
C GLU B 235 -12.86 -1.82 19.97
N ILE B 236 -13.83 -1.84 20.88
CA ILE B 236 -15.23 -1.52 20.54
C ILE B 236 -15.35 -0.10 19.98
N GLN B 237 -14.67 0.84 20.62
CA GLN B 237 -14.70 2.23 20.17
C GLN B 237 -14.07 2.40 18.80
N PHE B 238 -13.11 1.55 18.45
CA PHE B 238 -12.57 1.55 17.08
C PHE B 238 -13.67 1.25 16.06
N TYR B 239 -14.52 0.26 16.33
CA TYR B 239 -15.61 -0.08 15.41
C TYR B 239 -16.66 1.02 15.36
N VAL B 240 -16.89 1.68 16.49
CA VAL B 240 -17.86 2.77 16.55
C VAL B 240 -17.44 3.90 15.61
N GLN B 241 -16.18 4.32 15.71
CA GLN B 241 -15.65 5.38 14.86
C GLN B 241 -15.75 5.03 13.38
N GLN B 242 -15.52 3.74 13.06
CA GLN B 242 -15.55 3.27 11.68
C GLN B 242 -16.93 3.30 11.07
N PHE B 243 -17.92 2.90 11.83
CA PHE B 243 -19.29 2.81 11.32
C PHE B 243 -20.06 4.13 11.33
N LYS B 244 -19.50 5.14 11.99
CA LYS B 244 -19.98 6.51 11.85
C LYS B 244 -19.74 7.06 10.46
N LYS B 245 -18.74 6.53 9.76
CA LYS B 245 -18.38 7.06 8.44
C LYS B 245 -19.45 6.77 7.38
N SER B 246 -19.99 5.56 7.41
CA SER B 246 -20.93 5.12 6.37
C SER B 246 -22.17 4.37 6.87
N GLY B 247 -22.27 4.09 8.16
CA GLY B 247 -23.42 3.42 8.71
C GLY B 247 -23.53 1.97 8.27
N PHE B 248 -24.77 1.47 8.33
CA PHE B 248 -25.04 0.08 8.09
C PHE B 248 -25.65 -0.27 6.73
N ARG B 249 -26.07 0.73 5.98
CA ARG B 249 -26.69 0.47 4.67
C ARG B 249 -25.77 -0.33 3.74
N GLY B 250 -24.52 0.09 3.61
CA GLY B 250 -23.59 -0.61 2.77
C GLY B 250 -23.37 -2.06 3.22
N PRO B 251 -22.93 -2.26 4.48
CA PRO B 251 -22.75 -3.61 5.03
C PRO B 251 -24.00 -4.49 4.90
N LEU B 252 -25.17 -3.96 5.25
CA LEU B 252 -26.42 -4.72 5.16
C LEU B 252 -26.80 -5.05 3.72
N ASN B 253 -26.42 -4.20 2.76
CA ASN B 253 -26.65 -4.50 1.36
C ASN B 253 -26.04 -5.82 0.93
N TRP B 254 -25.05 -6.33 1.65
CA TRP B 254 -24.49 -7.64 1.37
C TRP B 254 -25.54 -8.75 1.39
N TYR B 255 -26.55 -8.61 2.26
CA TYR B 255 -27.64 -9.59 2.38
C TYR B 255 -28.78 -9.43 1.40
N ARG B 256 -28.79 -8.35 0.63
CA ARG B 256 -29.96 -7.97 -0.16
C ARG B 256 -29.81 -8.35 -1.64
N ASN B 257 -28.98 -9.36 -1.90
CA ASN B 257 -28.68 -9.77 -3.24
C ASN B 257 -28.75 -11.26 -3.37
N MET B 258 -29.67 -11.89 -2.65
CA MET B 258 -29.71 -13.34 -2.60
C MET B 258 -30.07 -13.92 -3.95
N GLU B 259 -31.11 -13.35 -4.60
CA GLU B 259 -31.54 -13.83 -5.91
C GLU B 259 -30.47 -13.61 -6.97
N ARG B 260 -29.87 -12.41 -6.98
CA ARG B 260 -28.75 -12.07 -7.89
C ARG B 260 -27.59 -13.06 -7.70
N ASN B 261 -27.25 -13.35 -6.44
CA ASN B 261 -26.15 -14.25 -6.11
C ASN B 261 -26.44 -15.67 -6.53
N TRP B 262 -27.65 -16.14 -6.21
CA TRP B 262 -28.18 -17.42 -6.62
C TRP B 262 -28.04 -17.60 -8.13
N LYS B 263 -28.60 -16.68 -8.92
CA LYS B 263 -28.61 -16.79 -10.39
C LYS B 263 -27.20 -16.86 -10.95
N TRP B 264 -26.29 -16.12 -10.32
CA TRP B 264 -24.92 -16.08 -10.75
C TRP B 264 -24.18 -17.39 -10.42
N ALA B 265 -24.40 -17.91 -9.23
CA ALA B 265 -23.79 -19.16 -8.78
C ALA B 265 -24.27 -20.37 -9.57
N CYS B 266 -25.44 -20.26 -10.18
CA CYS B 266 -25.95 -21.32 -11.03
C CYS B 266 -25.14 -21.42 -12.32
N LYS B 267 -24.58 -20.31 -12.80
CA LYS B 267 -23.78 -20.33 -14.03
C LYS B 267 -22.44 -21.07 -13.91
N SER B 268 -22.06 -21.53 -12.72
CA SER B 268 -20.85 -22.32 -12.56
C SER B 268 -21.04 -23.75 -13.09
N LEU B 269 -22.29 -24.20 -13.19
CA LEU B 269 -22.67 -25.45 -13.87
C LEU B 269 -22.00 -26.65 -13.22
N GLY B 270 -21.99 -26.64 -11.88
CA GLY B 270 -21.33 -27.70 -11.12
C GLY B 270 -19.86 -27.96 -11.45
N ARG B 271 -19.11 -26.92 -11.82
CA ARG B 271 -17.65 -27.06 -11.96
C ARG B 271 -17.05 -27.21 -10.55
N LYS B 272 -15.85 -27.78 -10.46
CA LYS B 272 -15.23 -28.04 -9.17
C LYS B 272 -14.13 -27.03 -8.90
N ILE B 273 -13.75 -26.92 -7.63
CA ILE B 273 -12.66 -26.07 -7.18
C ILE B 273 -11.47 -26.99 -6.99
N LEU B 274 -10.45 -26.75 -7.80
CA LEU B 274 -9.29 -27.68 -7.90
C LEU B 274 -8.03 -27.12 -7.23
N ILE B 275 -8.11 -25.89 -6.72
CA ILE B 275 -6.98 -25.26 -6.06
C ILE B 275 -6.95 -25.63 -4.58
N PRO B 276 -5.80 -25.45 -3.91
CA PRO B 276 -5.72 -25.82 -2.49
C PRO B 276 -6.70 -24.99 -1.68
N ALA B 277 -7.44 -25.67 -0.80
CA ALA B 277 -8.53 -25.07 -0.07
C ALA B 277 -8.54 -25.53 1.37
N LEU B 278 -9.02 -24.64 2.24
CA LEU B 278 -9.07 -24.89 3.69
C LEU B 278 -10.43 -24.48 4.22
N MET B 279 -11.07 -25.37 4.95
CA MET B 279 -12.32 -25.07 5.62
C MET B 279 -12.05 -25.19 7.11
N VAL B 280 -12.24 -24.08 7.82
CA VAL B 280 -12.06 -24.05 9.25
C VAL B 280 -13.43 -23.83 9.86
N THR B 281 -13.84 -24.81 10.66
CA THR B 281 -15.16 -24.79 11.28
C THR B 281 -15.02 -24.40 12.73
N ALA B 282 -16.07 -23.81 13.29
CA ALA B 282 -16.05 -23.34 14.67
C ALA B 282 -17.16 -23.98 15.48
N GLU B 283 -16.79 -24.68 16.54
CA GLU B 283 -17.75 -25.55 17.29
C GLU B 283 -19.02 -24.81 17.71
N LYS B 284 -18.86 -23.59 18.21
CA LYS B 284 -19.97 -22.87 18.84
C LYS B 284 -20.58 -21.73 18.00
N ASP B 285 -20.34 -21.71 16.69
CA ASP B 285 -21.04 -20.75 15.83
C ASP B 285 -22.40 -21.39 15.54
N PHE B 286 -23.47 -20.74 16.01
CA PHE B 286 -24.80 -21.34 15.94
C PHE B 286 -25.57 -20.91 14.69
N VAL B 287 -24.95 -20.08 13.85
CA VAL B 287 -25.52 -19.74 12.55
C VAL B 287 -24.74 -20.46 11.42
N LEU B 288 -23.41 -20.39 11.43
CA LEU B 288 -22.60 -21.13 10.46
C LEU B 288 -22.05 -22.37 11.13
N VAL B 289 -22.96 -23.31 11.29
CA VAL B 289 -22.75 -24.57 12.00
C VAL B 289 -21.71 -25.46 11.28
N PRO B 290 -20.84 -26.15 12.02
CA PRO B 290 -19.84 -27.05 11.40
C PRO B 290 -20.38 -28.10 10.44
N GLN B 291 -21.48 -28.76 10.78
CA GLN B 291 -22.07 -29.77 9.87
C GLN B 291 -22.55 -29.19 8.53
N MET B 292 -22.74 -27.88 8.45
CA MET B 292 -23.05 -27.24 7.16
C MET B 292 -21.92 -27.40 6.13
N SER B 293 -20.74 -27.77 6.59
CA SER B 293 -19.60 -27.96 5.72
C SER B 293 -19.35 -29.40 5.29
N GLN B 294 -20.22 -30.35 5.67
CA GLN B 294 -19.81 -31.77 5.70
C GLN B 294 -19.58 -32.43 4.34
N HIS B 295 -20.29 -32.04 3.30
CA HIS B 295 -20.13 -32.67 1.99
C HIS B 295 -19.18 -31.92 1.04
N MET B 296 -18.38 -30.99 1.55
CA MET B 296 -17.58 -30.12 0.69
C MET B 296 -16.48 -30.83 -0.11
N GLU B 297 -16.01 -32.00 0.34
CA GLU B 297 -14.92 -32.69 -0.39
C GLU B 297 -15.36 -33.31 -1.71
N ASP B 298 -16.67 -33.42 -1.92
CA ASP B 298 -17.23 -33.81 -3.21
C ASP B 298 -16.93 -32.77 -4.29
N TRP B 299 -17.09 -31.49 -3.93
CA TRP B 299 -16.89 -30.36 -4.86
C TRP B 299 -15.46 -29.83 -4.83
N ILE B 300 -14.72 -30.19 -3.78
CA ILE B 300 -13.39 -29.67 -3.53
C ILE B 300 -12.47 -30.83 -3.15
N PRO B 301 -11.86 -31.47 -4.16
CA PRO B 301 -11.01 -32.67 -3.94
C PRO B 301 -9.86 -32.47 -2.94
N HIS B 302 -9.13 -31.37 -3.10
CA HIS B 302 -7.93 -31.10 -2.33
C HIS B 302 -8.23 -30.24 -1.09
N LEU B 303 -9.32 -30.56 -0.39
CA LEU B 303 -9.75 -29.75 0.76
C LEU B 303 -9.13 -30.27 2.03
N LYS B 304 -8.42 -29.40 2.73
CA LYS B 304 -7.95 -29.69 4.06
C LYS B 304 -8.90 -29.00 5.03
N ARG B 305 -8.90 -29.48 6.27
CA ARG B 305 -9.80 -28.97 7.29
C ARG B 305 -9.08 -28.59 8.55
N GLY B 306 -9.65 -27.60 9.23
CA GLY B 306 -9.29 -27.29 10.61
C GLY B 306 -10.58 -27.18 11.37
N HIS B 307 -10.50 -27.37 12.69
CA HIS B 307 -11.68 -27.23 13.55
C HIS B 307 -11.27 -26.63 14.89
N ILE B 308 -12.01 -25.61 15.34
CA ILE B 308 -11.69 -24.95 16.59
C ILE B 308 -12.78 -25.14 17.63
N GLU B 309 -12.36 -25.66 18.79
CA GLU B 309 -13.30 -25.96 19.87
C GLU B 309 -13.51 -24.73 20.71
N ASP B 310 -14.68 -24.67 21.33
CA ASP B 310 -15.05 -23.55 22.21
C ASP B 310 -15.02 -22.21 21.49
N CYS B 311 -15.26 -22.24 20.19
CA CYS B 311 -15.14 -21.05 19.36
C CYS B 311 -16.46 -20.67 18.72
N GLY B 312 -16.87 -19.42 18.96
CA GLY B 312 -18.13 -18.90 18.45
C GLY B 312 -17.98 -18.31 17.07
N HIS B 313 -18.93 -17.48 16.67
CA HIS B 313 -18.91 -16.84 15.36
C HIS B 313 -17.72 -15.92 15.07
N TRP B 314 -17.23 -15.19 16.07
CA TRP B 314 -16.16 -14.17 15.88
C TRP B 314 -14.79 -14.81 16.07
N THR B 315 -14.52 -15.78 15.20
CA THR B 315 -13.42 -16.70 15.33
C THR B 315 -12.08 -16.03 15.64
N GLN B 316 -11.77 -14.98 14.88
CA GLN B 316 -10.46 -14.32 14.95
C GLN B 316 -10.19 -13.70 16.30
N MET B 317 -11.23 -13.23 16.98
CA MET B 317 -11.13 -12.64 18.33
C MET B 317 -11.19 -13.69 19.42
N ASP B 318 -12.04 -14.69 19.18
CA ASP B 318 -12.34 -15.71 20.16
C ASP B 318 -11.10 -16.59 20.37
N LYS B 319 -10.54 -17.10 19.28
CA LYS B 319 -9.43 -18.05 19.34
C LYS B 319 -8.29 -17.68 18.38
N PRO B 320 -7.74 -16.44 18.54
CA PRO B 320 -6.71 -15.97 17.64
C PRO B 320 -5.53 -16.93 17.54
N THR B 321 -5.06 -17.48 18.65
CA THR B 321 -3.89 -18.37 18.65
C THR B 321 -4.14 -19.65 17.83
N GLU B 322 -5.32 -20.24 17.99
CA GLU B 322 -5.68 -21.45 17.26
C GLU B 322 -5.86 -21.14 15.75
N VAL B 323 -6.50 -20.01 15.44
CA VAL B 323 -6.66 -19.56 14.04
C VAL B 323 -5.29 -19.42 13.40
N ASN B 324 -4.39 -18.73 14.08
CA ASN B 324 -3.06 -18.47 13.54
C ASN B 324 -2.31 -19.75 13.24
N GLN B 325 -2.31 -20.71 14.16
CA GLN B 325 -1.58 -21.99 13.98
C GLN B 325 -2.10 -22.84 12.83
N ILE B 326 -3.43 -22.89 12.69
CA ILE B 326 -4.10 -23.58 11.59
C ILE B 326 -3.79 -22.93 10.23
N LEU B 327 -3.93 -21.60 10.15
CA LEU B 327 -3.67 -20.90 8.87
C LEU B 327 -2.20 -20.97 8.47
N ILE B 328 -1.30 -20.77 9.42
CA ILE B 328 0.13 -20.75 9.16
C ILE B 328 0.67 -22.11 8.75
N LYS B 329 0.12 -23.17 9.31
CA LYS B 329 0.57 -24.52 8.96
C LYS B 329 0.10 -24.88 7.56
N TRP B 330 -1.13 -24.52 7.26
CA TRP B 330 -1.73 -24.77 5.95
C TRP B 330 -1.03 -23.97 4.87
N LEU B 331 -0.72 -22.71 5.18
CA LEU B 331 -0.03 -21.84 4.23
C LEU B 331 1.35 -22.35 3.90
N ASP B 332 2.10 -22.80 4.90
CA ASP B 332 3.48 -23.24 4.70
C ASP B 332 3.56 -24.54 3.89
N SER B 333 2.51 -25.36 3.92
CA SER B 333 2.49 -26.63 3.18
C SER B 333 1.77 -26.56 1.83
N ASP B 334 0.68 -25.76 1.74
CA ASP B 334 -0.10 -25.61 0.50
C ASP B 334 0.13 -24.25 -0.16
#